data_2CYA
#
_entry.id   2CYA
#
_cell.length_a   65.912
_cell.length_b   65.912
_cell.length_c   196.168
_cell.angle_alpha   90.00
_cell.angle_beta   90.00
_cell.angle_gamma   90.00
#
_symmetry.space_group_name_H-M   'P 43 21 2'
#
loop_
_entity.id
_entity.type
_entity.pdbx_description
1 polymer 'Tyrosyl-tRNA synthetase'
2 non-polymer 'SULFATE ION'
3 water water
#
_entity_poly.entity_id   1
_entity_poly.type   'polypeptide(L)'
_entity_poly.pdbx_seq_one_letter_code
;MVRVDVEERFNRIARNTVEIVTEEELKGLLASGARIKGYIGYEPSGVAHIGWLVWMYKVKDLVEAGVDFSVLEATWHAYI
NDKLGGDMDLIRAAARIVRRVMEAAGVPVERVRFVDAEELASDKDYWGLVIRVAKRASLARVRRALTIMGRRAEEAEVDA
SKLIYPLMQVSDIFYMDLDIALGGMDQRKAHMLARDVAEKLGRKKPVAIHTPIISSLQGPGRMEASQGEIDDVLAEVKMS
KSKPETAVFVVDSDDDIRRKIRKAYCPAKQVQGNPVLEIARYILFARDGFTLRVDRPAKYGGPVEYTSYEELERDYTDGR
LHPLDLKNAVAESLIEVVRPIRGAVLGDPAMKRALEAIEGKVTR
;
_entity_poly.pdbx_strand_id   A
#
loop_
_chem_comp.id
_chem_comp.type
_chem_comp.name
_chem_comp.formula
SO4 non-polymer 'SULFATE ION' 'O4 S -2'
#
# COMPACT_ATOMS: atom_id res chain seq x y z
N VAL A 4 1.70 26.71 14.13
CA VAL A 4 2.15 25.52 13.36
C VAL A 4 1.32 24.27 13.67
N ASP A 5 0.00 24.37 13.42
CA ASP A 5 -0.90 23.24 13.64
C ASP A 5 -0.67 22.37 12.41
N VAL A 6 -0.23 23.05 11.36
CA VAL A 6 0.09 22.43 10.09
C VAL A 6 1.28 21.50 10.28
N GLU A 7 2.21 21.90 11.15
CA GLU A 7 3.41 21.11 11.40
C GLU A 7 3.15 19.69 11.93
N GLU A 8 2.25 19.55 12.91
CA GLU A 8 1.98 18.22 13.44
C GLU A 8 1.24 17.36 12.44
N ARG A 9 0.23 17.93 11.78
CA ARG A 9 -0.53 17.18 10.79
C ARG A 9 0.42 16.74 9.70
N PHE A 10 1.28 17.66 9.27
CA PHE A 10 2.22 17.34 8.23
C PHE A 10 3.15 16.19 8.62
N ASN A 11 3.81 16.27 9.77
CA ASN A 11 4.74 15.21 10.17
C ASN A 11 4.02 13.87 10.35
N ARG A 12 2.76 13.94 10.74
CA ARG A 12 1.98 12.73 10.93
C ARG A 12 1.70 12.10 9.55
N ILE A 13 1.41 12.93 8.56
CA ILE A 13 1.15 12.47 7.21
C ILE A 13 2.45 12.05 6.52
N ALA A 14 3.51 12.82 6.72
CA ALA A 14 4.79 12.52 6.08
C ALA A 14 5.57 11.36 6.67
N ARG A 15 5.36 11.07 7.95
CA ARG A 15 6.08 10.00 8.64
C ARG A 15 6.16 8.69 7.86
N ASN A 16 7.41 8.27 7.58
CA ASN A 16 7.71 7.03 6.89
C ASN A 16 7.41 6.92 5.40
N THR A 17 7.01 8.02 4.78
CA THR A 17 6.74 8.00 3.36
C THR A 17 8.06 8.12 2.61
N VAL A 18 8.07 7.67 1.36
CA VAL A 18 9.25 7.74 0.52
C VAL A 18 9.32 9.14 -0.12
N GLU A 19 8.17 9.72 -0.42
CA GLU A 19 8.13 11.03 -1.02
C GLU A 19 6.73 11.61 -0.95
N ILE A 20 6.67 12.93 -1.06
CA ILE A 20 5.42 13.67 -1.08
C ILE A 20 5.64 14.68 -2.21
N VAL A 21 4.80 14.61 -3.24
CA VAL A 21 4.89 15.51 -4.39
C VAL A 21 3.70 16.47 -4.40
N THR A 22 3.83 17.68 -3.84
CA THR A 22 5.04 18.19 -3.19
C THR A 22 4.69 18.60 -1.77
N GLU A 23 5.70 18.72 -0.91
CA GLU A 23 5.47 19.07 0.49
C GLU A 23 4.89 20.47 0.65
N GLU A 24 5.38 21.41 -0.14
CA GLU A 24 4.84 22.76 -0.02
C GLU A 24 3.38 22.75 -0.39
N GLU A 25 3.01 21.99 -1.42
CA GLU A 25 1.60 21.93 -1.80
C GLU A 25 0.77 21.36 -0.63
N LEU A 26 1.24 20.28 -0.01
CA LEU A 26 0.51 19.69 1.12
C LEU A 26 0.41 20.69 2.25
N LYS A 27 1.49 21.39 2.54
CA LYS A 27 1.44 22.38 3.61
C LYS A 27 0.45 23.49 3.28
N GLY A 28 0.37 23.85 1.99
CA GLY A 28 -0.59 24.88 1.59
C GLY A 28 -2.00 24.37 1.81
N LEU A 29 -2.22 23.09 1.53
CA LEU A 29 -3.55 22.50 1.72
C LEU A 29 -3.87 22.45 3.22
N LEU A 30 -2.90 21.99 4.00
CA LEU A 30 -3.12 21.92 5.44
C LEU A 30 -3.40 23.31 6.01
N ALA A 31 -2.67 24.31 5.54
CA ALA A 31 -2.84 25.67 6.04
C ALA A 31 -4.17 26.35 5.70
N SER A 32 -4.83 25.91 4.63
CA SER A 32 -6.09 26.54 4.21
C SER A 32 -7.25 26.29 5.16
N GLY A 33 -7.16 25.23 5.96
CA GLY A 33 -8.22 24.92 6.89
C GLY A 33 -9.38 24.21 6.23
N ALA A 34 -9.44 24.28 4.90
CA ALA A 34 -10.50 23.63 4.13
C ALA A 34 -10.46 22.11 4.28
N ARG A 35 -11.59 21.46 4.03
CA ARG A 35 -11.67 20.00 4.11
C ARG A 35 -10.78 19.43 3.03
N ILE A 36 -10.04 18.40 3.39
CA ILE A 36 -9.12 17.74 2.47
C ILE A 36 -9.60 16.32 2.23
N LYS A 37 -9.67 15.92 0.97
CA LYS A 37 -10.10 14.56 0.63
C LYS A 37 -8.95 13.75 0.05
N GLY A 38 -8.90 12.48 0.40
CA GLY A 38 -7.83 11.65 -0.11
C GLY A 38 -8.29 10.22 -0.24
N TYR A 39 -7.49 9.40 -0.90
CA TYR A 39 -7.82 7.98 -1.02
C TYR A 39 -6.57 7.21 -1.31
N ILE A 40 -6.74 5.89 -1.36
CA ILE A 40 -5.72 4.96 -1.82
C ILE A 40 -6.55 4.00 -2.65
N GLY A 41 -6.00 3.61 -3.79
CA GLY A 41 -6.67 2.66 -4.65
C GLY A 41 -5.73 1.49 -4.73
N TYR A 42 -6.26 0.29 -4.57
CA TYR A 42 -5.42 -0.88 -4.62
C TYR A 42 -6.17 -2.02 -5.31
N GLU A 43 -5.42 -2.91 -5.94
CA GLU A 43 -6.01 -4.07 -6.60
C GLU A 43 -6.19 -5.20 -5.58
N PRO A 44 -7.43 -5.68 -5.39
CA PRO A 44 -7.61 -6.78 -4.43
C PRO A 44 -7.20 -8.00 -5.26
N SER A 45 -5.90 -8.26 -5.27
CA SER A 45 -5.34 -9.31 -6.10
C SER A 45 -4.96 -10.62 -5.43
N GLY A 46 -5.34 -10.80 -4.17
CA GLY A 46 -5.00 -12.04 -3.47
C GLY A 46 -5.04 -11.84 -1.97
N VAL A 47 -4.49 -12.78 -1.23
CA VAL A 47 -4.48 -12.65 0.23
C VAL A 47 -3.50 -11.55 0.63
N ALA A 48 -3.95 -10.66 1.51
CA ALA A 48 -3.09 -9.59 1.96
C ALA A 48 -1.80 -10.12 2.62
N HIS A 49 -0.67 -9.50 2.27
CA HIS A 49 0.59 -9.89 2.89
C HIS A 49 1.04 -8.68 3.71
N ILE A 50 2.08 -8.82 4.51
CA ILE A 50 2.46 -7.72 5.37
C ILE A 50 2.86 -6.41 4.71
N GLY A 51 3.20 -6.48 3.42
CA GLY A 51 3.60 -5.27 2.72
C GLY A 51 2.51 -4.24 2.66
N TRP A 52 1.27 -4.72 2.60
CA TRP A 52 0.11 -3.84 2.54
C TRP A 52 -0.12 -3.11 3.84
N LEU A 53 0.43 -3.66 4.94
CA LEU A 53 0.24 -3.03 6.25
C LEU A 53 0.84 -1.62 6.23
N VAL A 54 1.92 -1.44 5.48
CA VAL A 54 2.56 -0.13 5.39
C VAL A 54 1.57 0.92 4.90
N TRP A 55 0.81 0.65 3.83
CA TRP A 55 -0.12 1.68 3.41
C TRP A 55 -1.37 1.71 4.30
N MET A 56 -1.70 0.61 4.97
CA MET A 56 -2.85 0.63 5.87
C MET A 56 -2.54 1.55 7.05
N TYR A 57 -1.32 1.49 7.57
CA TYR A 57 -0.93 2.35 8.69
C TYR A 57 -0.94 3.81 8.25
N LYS A 58 -0.59 4.05 6.99
CA LYS A 58 -0.58 5.40 6.45
C LYS A 58 -2.02 5.90 6.34
N VAL A 59 -2.95 5.01 6.01
CA VAL A 59 -4.35 5.41 5.93
C VAL A 59 -4.72 5.89 7.33
N LYS A 60 -4.33 5.12 8.34
CA LYS A 60 -4.59 5.49 9.73
C LYS A 60 -4.04 6.89 10.01
N ASP A 61 -2.80 7.16 9.59
CA ASP A 61 -2.20 8.48 9.82
C ASP A 61 -3.01 9.62 9.15
N LEU A 62 -3.37 9.45 7.87
CA LEU A 62 -4.13 10.49 7.17
C LEU A 62 -5.45 10.77 7.85
N VAL A 63 -6.15 9.71 8.26
CA VAL A 63 -7.43 9.88 8.95
C VAL A 63 -7.26 10.68 10.27
N GLU A 64 -6.21 10.37 11.03
CA GLU A 64 -5.99 11.06 12.30
C GLU A 64 -5.50 12.48 12.06
N ALA A 65 -5.06 12.75 10.83
CA ALA A 65 -4.58 14.08 10.48
C ALA A 65 -5.72 14.94 9.91
N GLY A 66 -6.95 14.44 10.02
CA GLY A 66 -8.08 15.21 9.52
C GLY A 66 -8.49 15.05 8.06
N VAL A 67 -7.83 14.19 7.29
CA VAL A 67 -8.20 13.98 5.87
C VAL A 67 -9.45 13.10 5.72
N ASP A 68 -10.43 13.52 4.92
CA ASP A 68 -11.62 12.69 4.69
C ASP A 68 -11.15 11.63 3.69
N PHE A 69 -11.05 10.40 4.18
CA PHE A 69 -10.49 9.31 3.42
C PHE A 69 -11.40 8.24 2.86
N SER A 70 -11.01 7.75 1.68
CA SER A 70 -11.71 6.69 0.98
C SER A 70 -10.70 5.64 0.53
N VAL A 71 -11.15 4.40 0.48
CA VAL A 71 -10.29 3.34 -0.01
C VAL A 71 -11.04 2.84 -1.24
N LEU A 72 -10.38 2.87 -2.39
CA LEU A 72 -11.05 2.38 -3.60
C LEU A 72 -10.66 0.93 -3.85
N GLU A 73 -11.62 0.03 -3.77
CA GLU A 73 -11.33 -1.38 -4.05
C GLU A 73 -11.35 -1.40 -5.56
N ALA A 74 -10.16 -1.29 -6.16
CA ALA A 74 -9.99 -1.21 -7.62
C ALA A 74 -10.18 -2.55 -8.31
N THR A 75 -11.40 -3.08 -8.22
CA THR A 75 -11.72 -4.37 -8.78
C THR A 75 -11.59 -4.46 -10.30
N TRP A 76 -12.00 -3.41 -11.01
CA TRP A 76 -11.90 -3.43 -12.46
C TRP A 76 -10.43 -3.39 -12.89
N HIS A 77 -9.61 -2.70 -12.12
CA HIS A 77 -8.19 -2.61 -12.42
C HIS A 77 -7.58 -3.99 -12.25
N ALA A 78 -7.97 -4.71 -11.19
CA ALA A 78 -7.44 -6.06 -10.92
C ALA A 78 -7.85 -6.97 -12.07
N TYR A 79 -9.07 -6.79 -12.53
CA TYR A 79 -9.54 -7.60 -13.65
C TYR A 79 -8.65 -7.31 -14.86
N ILE A 80 -8.39 -6.04 -15.13
CA ILE A 80 -7.56 -5.69 -16.26
C ILE A 80 -6.21 -6.41 -16.18
N ASN A 81 -5.65 -6.52 -14.98
CA ASN A 81 -4.38 -7.22 -14.81
C ASN A 81 -4.57 -8.74 -14.60
N ASP A 82 -5.75 -9.24 -14.89
CA ASP A 82 -6.06 -10.66 -14.75
C ASP A 82 -5.76 -11.30 -13.39
N LYS A 83 -5.81 -10.51 -12.32
CA LYS A 83 -5.57 -11.05 -10.99
C LYS A 83 -6.65 -12.09 -10.67
N LEU A 84 -6.28 -13.15 -9.97
CA LEU A 84 -7.22 -14.20 -9.61
C LEU A 84 -8.02 -14.69 -10.84
N GLY A 85 -7.31 -14.76 -11.97
CA GLY A 85 -7.93 -15.21 -13.20
C GLY A 85 -9.10 -14.38 -13.68
N GLY A 86 -9.18 -13.13 -13.22
CA GLY A 86 -10.27 -12.28 -13.64
C GLY A 86 -11.60 -12.67 -13.01
N ASP A 87 -11.54 -13.53 -12.00
CA ASP A 87 -12.74 -13.98 -11.30
C ASP A 87 -13.18 -12.86 -10.36
N MET A 88 -14.17 -12.08 -10.78
CA MET A 88 -14.64 -10.95 -9.99
C MET A 88 -15.12 -11.30 -8.57
N ASP A 89 -15.62 -12.51 -8.37
CA ASP A 89 -16.09 -12.94 -7.04
C ASP A 89 -14.92 -13.08 -6.08
N LEU A 90 -13.82 -13.62 -6.59
CA LEU A 90 -12.62 -13.84 -5.80
C LEU A 90 -11.94 -12.50 -5.51
N ILE A 91 -12.04 -11.57 -6.46
CA ILE A 91 -11.45 -10.26 -6.28
C ILE A 91 -12.22 -9.53 -5.19
N ARG A 92 -13.54 -9.65 -5.20
CA ARG A 92 -14.38 -9.00 -4.20
C ARG A 92 -14.09 -9.61 -2.84
N ALA A 93 -13.87 -10.92 -2.82
CA ALA A 93 -13.60 -11.64 -1.60
C ALA A 93 -12.29 -11.16 -1.01
N ALA A 94 -11.30 -10.90 -1.86
CA ALA A 94 -10.01 -10.42 -1.38
C ALA A 94 -10.20 -9.04 -0.73
N ALA A 95 -11.12 -8.24 -1.25
CA ALA A 95 -11.41 -6.91 -0.71
C ALA A 95 -12.11 -6.98 0.66
N ARG A 96 -13.00 -7.96 0.83
CA ARG A 96 -13.67 -8.10 2.13
C ARG A 96 -12.62 -8.47 3.19
N ILE A 97 -11.64 -9.26 2.80
CA ILE A 97 -10.59 -9.65 3.73
C ILE A 97 -9.73 -8.43 4.09
N VAL A 98 -9.40 -7.62 3.09
CA VAL A 98 -8.62 -6.41 3.34
C VAL A 98 -9.33 -5.52 4.36
N ARG A 99 -10.65 -5.37 4.25
CA ARG A 99 -11.35 -4.52 5.23
C ARG A 99 -11.19 -5.07 6.64
N ARG A 100 -11.28 -6.38 6.77
CA ARG A 100 -11.16 -7.01 8.08
C ARG A 100 -9.75 -6.88 8.61
N VAL A 101 -8.77 -7.01 7.72
CA VAL A 101 -7.38 -6.89 8.10
C VAL A 101 -7.10 -5.46 8.57
N MET A 102 -7.62 -4.47 7.85
CA MET A 102 -7.39 -3.09 8.23
C MET A 102 -7.92 -2.78 9.62
N GLU A 103 -9.12 -3.27 9.91
CA GLU A 103 -9.76 -3.06 11.20
C GLU A 103 -8.92 -3.71 12.30
N ALA A 104 -8.63 -5.00 12.12
CA ALA A 104 -7.85 -5.76 13.07
C ALA A 104 -6.44 -5.18 13.21
N ALA A 105 -5.98 -4.44 12.21
CA ALA A 105 -4.63 -3.87 12.29
C ALA A 105 -4.66 -2.56 13.06
N GLY A 106 -5.85 -2.08 13.39
CA GLY A 106 -5.92 -0.84 14.14
C GLY A 106 -6.34 0.37 13.36
N VAL A 107 -6.66 0.20 12.07
CA VAL A 107 -7.10 1.34 11.28
C VAL A 107 -8.55 1.65 11.70
N PRO A 108 -8.89 2.94 11.87
CA PRO A 108 -10.25 3.31 12.27
C PRO A 108 -11.17 3.24 11.03
N VAL A 109 -11.53 2.03 10.63
CA VAL A 109 -12.36 1.84 9.44
C VAL A 109 -13.73 2.51 9.46
N GLU A 110 -14.23 2.83 10.65
CA GLU A 110 -15.53 3.48 10.76
C GLU A 110 -15.49 4.87 10.11
N ARG A 111 -14.31 5.46 10.09
CA ARG A 111 -14.11 6.79 9.52
C ARG A 111 -13.65 6.73 8.07
N VAL A 112 -13.53 5.51 7.51
CA VAL A 112 -13.09 5.35 6.13
C VAL A 112 -14.25 4.93 5.23
N ARG A 113 -14.35 5.53 4.05
CA ARG A 113 -15.40 5.16 3.11
C ARG A 113 -14.83 4.16 2.08
N PHE A 114 -15.29 2.92 2.15
CA PHE A 114 -14.85 1.89 1.22
C PHE A 114 -15.74 1.96 -0.01
N VAL A 115 -15.11 2.01 -1.18
CA VAL A 115 -15.80 2.14 -2.46
C VAL A 115 -15.33 1.07 -3.42
N ASP A 116 -16.28 0.33 -3.98
CA ASP A 116 -15.98 -0.70 -4.99
C ASP A 116 -15.94 0.04 -6.34
N ALA A 117 -14.92 -0.23 -7.16
CA ALA A 117 -14.83 0.44 -8.47
C ALA A 117 -16.15 0.35 -9.26
N GLU A 118 -16.95 -0.66 -8.98
CA GLU A 118 -18.22 -0.85 -9.68
C GLU A 118 -19.14 0.37 -9.55
N GLU A 119 -19.07 1.07 -8.42
CA GLU A 119 -19.90 2.25 -8.22
C GLU A 119 -19.46 3.34 -9.17
N LEU A 120 -18.17 3.42 -9.45
CA LEU A 120 -17.70 4.44 -10.37
C LEU A 120 -18.05 4.01 -11.81
N ALA A 121 -17.86 2.73 -12.09
CA ALA A 121 -18.12 2.17 -13.41
C ALA A 121 -19.55 2.36 -13.89
N SER A 122 -20.48 2.50 -12.94
CA SER A 122 -21.91 2.65 -13.21
C SER A 122 -22.31 4.08 -13.50
N ASP A 123 -21.37 4.99 -13.42
CA ASP A 123 -21.71 6.39 -13.66
C ASP A 123 -21.13 6.84 -14.97
N LYS A 124 -22.00 7.29 -15.87
CA LYS A 124 -21.55 7.77 -17.16
C LYS A 124 -20.56 8.91 -17.02
N ASP A 125 -20.74 9.75 -16.00
CA ASP A 125 -19.82 10.85 -15.79
C ASP A 125 -18.40 10.37 -15.53
N TYR A 126 -18.26 9.20 -14.92
CA TYR A 126 -16.93 8.68 -14.68
C TYR A 126 -16.27 8.38 -16.04
N TRP A 127 -16.99 7.67 -16.91
CA TRP A 127 -16.43 7.34 -18.22
C TRP A 127 -16.25 8.62 -19.02
N GLY A 128 -17.12 9.59 -18.76
CA GLY A 128 -16.98 10.88 -19.42
C GLY A 128 -15.60 11.45 -19.10
N LEU A 129 -15.15 11.27 -17.85
CA LEU A 129 -13.83 11.76 -17.40
C LEU A 129 -12.73 10.92 -18.00
N VAL A 130 -12.93 9.61 -18.07
CA VAL A 130 -11.90 8.78 -18.66
C VAL A 130 -11.63 9.28 -20.09
N ILE A 131 -12.67 9.71 -20.79
CA ILE A 131 -12.48 10.22 -22.14
C ILE A 131 -11.81 11.59 -22.18
N ARG A 132 -12.26 12.50 -21.32
CA ARG A 132 -11.65 13.82 -21.29
C ARG A 132 -10.16 13.69 -20.92
N VAL A 133 -9.85 12.77 -20.01
CA VAL A 133 -8.46 12.58 -19.64
C VAL A 133 -7.68 12.03 -20.82
N ALA A 134 -8.25 11.08 -21.55
CA ALA A 134 -7.56 10.50 -22.69
C ALA A 134 -7.31 11.51 -23.81
N LYS A 135 -8.15 12.55 -23.89
CA LYS A 135 -8.00 13.56 -24.92
C LYS A 135 -6.86 14.52 -24.63
N ARG A 136 -6.44 14.57 -23.36
CA ARG A 136 -5.38 15.48 -22.96
C ARG A 136 -4.05 14.81 -22.70
N ALA A 137 -3.86 13.60 -23.21
CA ALA A 137 -2.60 12.91 -23.01
C ALA A 137 -2.29 12.00 -24.20
N SER A 138 -1.17 12.30 -24.85
CA SER A 138 -0.73 11.55 -26.02
C SER A 138 -0.53 10.07 -25.69
N LEU A 139 -0.50 9.23 -26.72
CA LEU A 139 -0.31 7.81 -26.51
C LEU A 139 1.10 7.65 -25.92
N ALA A 140 1.96 8.61 -26.23
CA ALA A 140 3.33 8.59 -25.72
C ALA A 140 3.30 8.96 -24.23
N ARG A 141 2.66 10.07 -23.91
CA ARG A 141 2.56 10.48 -22.51
C ARG A 141 1.99 9.34 -21.67
N VAL A 142 0.90 8.74 -22.17
CA VAL A 142 0.25 7.64 -21.47
C VAL A 142 1.13 6.40 -21.46
N ARG A 143 1.93 6.22 -22.49
CA ARG A 143 2.78 5.05 -22.55
C ARG A 143 3.94 5.15 -21.57
N ARG A 144 4.42 6.36 -21.30
CA ARG A 144 5.51 6.47 -20.35
C ARG A 144 4.99 6.46 -18.92
N ALA A 145 3.72 6.07 -18.78
CA ALA A 145 3.07 5.97 -17.47
C ALA A 145 2.81 4.50 -17.18
N LEU A 146 3.29 3.64 -18.08
CA LEU A 146 3.13 2.20 -17.94
C LEU A 146 4.37 1.63 -17.28
N ALA A 153 8.68 -2.15 -24.44
CA ALA A 153 7.60 -3.02 -24.87
C ALA A 153 7.01 -2.54 -26.19
N GLU A 154 7.18 -3.32 -27.25
CA GLU A 154 6.64 -2.93 -28.55
C GLU A 154 5.14 -3.16 -28.63
N GLU A 155 4.47 -2.31 -29.42
CA GLU A 155 3.03 -2.36 -29.61
C GLU A 155 2.36 -3.73 -29.66
N ALA A 156 2.95 -4.66 -30.39
CA ALA A 156 2.38 -6.00 -30.56
C ALA A 156 2.27 -6.87 -29.30
N GLU A 157 2.83 -6.43 -28.17
CA GLU A 157 2.78 -7.21 -26.93
C GLU A 157 1.95 -6.56 -25.83
N VAL A 158 1.76 -5.25 -25.94
CA VAL A 158 1.00 -4.47 -24.96
C VAL A 158 -0.48 -4.40 -25.35
N ASP A 159 -1.34 -5.21 -24.72
CA ASP A 159 -2.75 -5.15 -25.06
C ASP A 159 -3.34 -3.80 -24.64
N ALA A 160 -4.27 -3.29 -25.45
CA ALA A 160 -4.91 -2.00 -25.23
C ALA A 160 -5.46 -1.71 -23.84
N SER A 161 -5.94 -2.73 -23.14
CA SER A 161 -6.48 -2.52 -21.82
C SER A 161 -5.43 -1.93 -20.86
N LYS A 162 -4.15 -2.10 -21.21
CA LYS A 162 -3.06 -1.59 -20.39
C LYS A 162 -2.95 -0.07 -20.48
N LEU A 163 -3.45 0.50 -21.56
CA LEU A 163 -3.42 1.95 -21.72
C LEU A 163 -4.64 2.55 -21.00
N ILE A 164 -5.72 1.79 -20.93
CA ILE A 164 -6.91 2.27 -20.27
C ILE A 164 -6.72 2.33 -18.73
N TYR A 165 -5.95 1.38 -18.20
CA TYR A 165 -5.69 1.26 -16.76
C TYR A 165 -5.35 2.63 -16.16
N PRO A 166 -4.24 3.25 -16.58
CA PRO A 166 -3.80 4.57 -16.09
C PRO A 166 -4.87 5.65 -16.26
N LEU A 167 -5.55 5.61 -17.39
CA LEU A 167 -6.60 6.57 -17.70
C LEU A 167 -7.66 6.45 -16.60
N MET A 168 -8.00 5.23 -16.25
CA MET A 168 -8.99 4.98 -15.20
C MET A 168 -8.45 5.38 -13.83
N GLN A 169 -7.16 5.13 -13.60
CA GLN A 169 -6.54 5.46 -12.33
C GLN A 169 -6.65 6.96 -12.10
N VAL A 170 -6.23 7.74 -13.08
CA VAL A 170 -6.31 9.20 -12.99
C VAL A 170 -7.78 9.65 -12.85
N SER A 171 -8.68 9.01 -13.59
CA SER A 171 -10.08 9.39 -13.50
C SER A 171 -10.70 9.10 -12.15
N ASP A 172 -10.21 8.04 -11.49
CA ASP A 172 -10.70 7.68 -10.16
C ASP A 172 -10.41 8.84 -9.21
N ILE A 173 -9.19 9.36 -9.30
CA ILE A 173 -8.73 10.49 -8.47
C ILE A 173 -9.58 11.72 -8.75
N PHE A 174 -9.77 12.07 -10.02
CA PHE A 174 -10.56 13.27 -10.31
C PHE A 174 -12.05 13.07 -9.96
N TYR A 175 -12.59 11.91 -10.32
CA TYR A 175 -13.99 11.63 -10.04
C TYR A 175 -14.30 11.76 -8.55
N MET A 176 -13.39 11.28 -7.70
CA MET A 176 -13.59 11.37 -6.24
C MET A 176 -13.22 12.71 -5.67
N ASP A 177 -12.91 13.66 -6.56
CA ASP A 177 -12.60 15.03 -6.15
C ASP A 177 -11.54 15.08 -5.06
N LEU A 178 -10.44 14.41 -5.30
CA LEU A 178 -9.37 14.32 -4.30
C LEU A 178 -8.29 15.40 -4.32
N ASP A 179 -7.83 15.75 -3.11
CA ASP A 179 -6.74 16.71 -2.95
C ASP A 179 -5.44 15.90 -2.79
N ILE A 180 -5.59 14.65 -2.36
CA ILE A 180 -4.45 13.76 -2.12
C ILE A 180 -4.63 12.32 -2.62
N ALA A 181 -3.58 11.79 -3.20
CA ALA A 181 -3.56 10.42 -3.69
C ALA A 181 -2.45 9.67 -2.95
N LEU A 182 -2.82 8.73 -2.09
CA LEU A 182 -1.83 7.94 -1.37
C LEU A 182 -1.64 6.64 -2.15
N GLY A 183 -0.42 6.12 -2.15
CA GLY A 183 -0.17 4.87 -2.82
C GLY A 183 1.29 4.47 -2.70
N GLY A 184 1.59 3.23 -3.09
CA GLY A 184 2.95 2.77 -3.04
C GLY A 184 3.72 3.46 -4.14
N MET A 185 5.03 3.35 -4.13
CA MET A 185 5.85 3.96 -5.17
C MET A 185 5.55 3.39 -6.53
N ASP A 186 4.88 2.25 -6.59
CA ASP A 186 4.54 1.67 -7.88
C ASP A 186 3.38 2.42 -8.55
N GLN A 187 2.79 3.39 -7.82
CA GLN A 187 1.69 4.18 -8.39
C GLN A 187 2.20 5.54 -8.86
N ARG A 188 3.48 5.84 -8.63
CA ARG A 188 3.99 7.17 -8.97
C ARG A 188 3.76 7.61 -10.40
N LYS A 189 3.96 6.72 -11.36
CA LYS A 189 3.76 7.13 -12.74
C LYS A 189 2.31 7.55 -13.02
N ALA A 190 1.35 6.81 -12.50
CA ALA A 190 -0.05 7.17 -12.72
C ALA A 190 -0.31 8.52 -12.04
N HIS A 191 0.26 8.71 -10.86
CA HIS A 191 0.05 9.96 -10.14
C HIS A 191 0.65 11.17 -10.84
N MET A 192 1.80 10.99 -11.49
CA MET A 192 2.42 12.11 -12.21
C MET A 192 1.55 12.47 -13.41
N LEU A 193 0.97 11.48 -14.07
CA LEU A 193 0.10 11.73 -15.20
C LEU A 193 -1.11 12.52 -14.71
N ALA A 194 -1.63 12.16 -13.53
CA ALA A 194 -2.80 12.88 -13.00
C ALA A 194 -2.45 14.34 -12.75
N ARG A 195 -1.27 14.57 -12.16
CA ARG A 195 -0.82 15.93 -11.85
C ARG A 195 -0.56 16.72 -13.13
N ASP A 196 -0.03 16.05 -14.15
CA ASP A 196 0.27 16.73 -15.41
C ASP A 196 -0.98 17.09 -16.21
N VAL A 197 -2.09 16.44 -15.88
CA VAL A 197 -3.32 16.63 -16.60
C VAL A 197 -4.40 17.43 -15.90
N ALA A 198 -4.35 17.44 -14.57
CA ALA A 198 -5.38 18.12 -13.76
C ALA A 198 -5.78 19.54 -14.17
N GLU A 199 -4.82 20.44 -14.35
CA GLU A 199 -5.16 21.83 -14.69
C GLU A 199 -5.79 21.94 -16.09
N LYS A 200 -5.32 21.14 -17.04
CA LYS A 200 -5.91 21.15 -18.37
C LYS A 200 -7.39 20.80 -18.36
N LEU A 201 -7.79 19.92 -17.45
CA LEU A 201 -9.20 19.52 -17.33
C LEU A 201 -9.98 20.28 -16.28
N GLY A 202 -9.37 21.26 -15.63
CA GLY A 202 -10.13 21.96 -14.60
C GLY A 202 -10.37 21.10 -13.37
N ARG A 203 -9.48 20.15 -13.12
CA ARG A 203 -9.61 19.27 -11.96
C ARG A 203 -8.49 19.57 -10.97
N LYS A 204 -8.69 19.25 -9.69
CA LYS A 204 -7.70 19.49 -8.66
C LYS A 204 -6.41 18.68 -8.92
N LYS A 205 -5.27 19.36 -8.87
CA LYS A 205 -3.95 18.73 -9.05
C LYS A 205 -3.70 18.08 -7.69
N PRO A 206 -3.72 16.74 -7.62
CA PRO A 206 -3.51 16.05 -6.35
C PRO A 206 -2.09 15.99 -5.84
N VAL A 207 -1.97 16.09 -4.52
CA VAL A 207 -0.68 15.92 -3.86
C VAL A 207 -0.49 14.40 -3.81
N ALA A 208 0.61 13.89 -4.35
CA ALA A 208 0.91 12.46 -4.36
C ALA A 208 1.77 12.03 -3.17
N ILE A 209 1.25 11.11 -2.35
CA ILE A 209 2.00 10.61 -1.18
C ILE A 209 2.30 9.13 -1.36
N HIS A 210 3.59 8.83 -1.50
CA HIS A 210 4.03 7.47 -1.75
C HIS A 210 4.70 6.74 -0.59
N THR A 211 4.19 5.56 -0.29
CA THR A 211 4.70 4.69 0.76
C THR A 211 5.70 3.70 0.17
N PRO A 212 6.62 3.19 1.01
CA PRO A 212 7.64 2.24 0.55
C PRO A 212 7.07 0.85 0.26
N ILE A 213 7.68 0.15 -0.68
CA ILE A 213 7.25 -1.18 -1.07
C ILE A 213 8.28 -2.17 -0.54
N ILE A 214 7.90 -2.94 0.48
CA ILE A 214 8.80 -3.93 1.07
C ILE A 214 9.26 -4.96 0.02
N SER A 215 10.56 -5.22 0.00
CA SER A 215 11.15 -6.16 -0.95
C SER A 215 10.82 -7.64 -0.68
N SER A 216 11.09 -8.46 -1.68
CA SER A 216 10.88 -9.90 -1.59
C SER A 216 11.87 -10.43 -0.55
N LEU A 217 11.48 -11.47 0.17
CA LEU A 217 12.39 -12.06 1.17
C LEU A 217 13.52 -12.82 0.47
N GLN A 218 13.33 -13.18 -0.79
CA GLN A 218 14.33 -13.93 -1.55
C GLN A 218 15.69 -13.23 -1.69
N GLY A 219 15.72 -12.04 -2.29
CA GLY A 219 16.98 -11.35 -2.44
C GLY A 219 17.01 -10.23 -3.47
N PRO A 220 17.84 -10.38 -4.53
CA PRO A 220 17.97 -9.39 -5.61
C PRO A 220 16.64 -8.88 -6.14
N VAL A 237 12.76 -6.78 -6.57
CA VAL A 237 11.54 -7.59 -6.61
C VAL A 237 10.67 -7.28 -5.40
N LYS A 238 9.42 -6.86 -5.65
CA LYS A 238 8.47 -6.52 -4.60
C LYS A 238 7.92 -7.77 -3.93
N MET A 239 7.37 -7.60 -2.73
CA MET A 239 6.78 -8.72 -2.01
C MET A 239 5.39 -8.92 -2.61
N SER A 240 5.07 -10.13 -3.03
CA SER A 240 3.76 -10.41 -3.62
C SER A 240 3.41 -11.88 -3.52
N LYS A 241 2.18 -12.23 -3.87
CA LYS A 241 1.72 -13.61 -3.82
C LYS A 241 2.36 -14.58 -4.82
N SER A 242 3.26 -14.07 -5.66
CA SER A 242 3.96 -14.88 -6.67
C SER A 242 4.62 -16.14 -6.08
N LYS A 243 5.66 -15.95 -5.28
CA LYS A 243 6.37 -17.05 -4.62
C LYS A 243 6.06 -16.97 -3.13
N PRO A 244 5.10 -17.79 -2.67
CA PRO A 244 4.68 -17.84 -1.27
C PRO A 244 5.78 -17.64 -0.24
N GLU A 245 6.90 -18.32 -0.44
CA GLU A 245 8.03 -18.22 0.51
C GLU A 245 8.73 -16.88 0.55
N THR A 246 8.48 -16.02 -0.43
CA THR A 246 9.12 -14.71 -0.45
C THR A 246 8.22 -13.62 0.12
N ALA A 247 7.05 -14.01 0.61
CA ALA A 247 6.11 -13.06 1.18
C ALA A 247 5.42 -13.62 2.42
N VAL A 248 5.21 -12.78 3.42
CA VAL A 248 4.55 -13.20 4.63
C VAL A 248 3.10 -12.77 4.54
N PHE A 249 2.17 -13.72 4.50
CA PHE A 249 0.76 -13.37 4.43
C PHE A 249 0.18 -13.16 5.83
N VAL A 250 -0.90 -12.38 5.92
CA VAL A 250 -1.50 -12.10 7.21
C VAL A 250 -2.11 -13.33 7.82
N VAL A 251 -2.13 -14.44 7.09
CA VAL A 251 -2.69 -15.67 7.64
C VAL A 251 -1.67 -16.81 7.73
N ASP A 252 -0.40 -16.48 7.56
CA ASP A 252 0.65 -17.51 7.69
C ASP A 252 0.73 -17.90 9.16
N SER A 253 1.10 -19.15 9.43
CA SER A 253 1.25 -19.66 10.79
C SER A 253 2.50 -19.06 11.41
N ASP A 254 2.62 -19.16 12.73
CA ASP A 254 3.81 -18.64 13.42
C ASP A 254 5.04 -19.37 12.87
N ASP A 255 4.89 -20.67 12.59
CA ASP A 255 6.01 -21.45 12.06
C ASP A 255 6.38 -21.01 10.63
N ASP A 256 5.37 -20.71 9.82
CA ASP A 256 5.62 -20.24 8.44
C ASP A 256 6.43 -18.92 8.52
N ILE A 257 6.03 -18.04 9.43
CA ILE A 257 6.73 -16.77 9.58
C ILE A 257 8.19 -16.97 10.04
N ARG A 258 8.42 -17.88 10.98
CA ARG A 258 9.77 -18.16 11.45
C ARG A 258 10.65 -18.70 10.32
N ARG A 259 10.08 -19.59 9.50
CA ARG A 259 10.81 -20.18 8.38
C ARG A 259 11.15 -19.13 7.32
N LYS A 260 10.13 -18.42 6.85
CA LYS A 260 10.32 -17.40 5.83
C LYS A 260 11.30 -16.32 6.25
N ILE A 261 11.24 -15.88 7.51
CA ILE A 261 12.16 -14.85 7.96
C ILE A 261 13.58 -15.42 8.13
N ARG A 262 13.67 -16.64 8.67
CA ARG A 262 14.97 -17.29 8.87
C ARG A 262 15.72 -17.41 7.54
N LYS A 263 15.00 -17.76 6.48
CA LYS A 263 15.59 -17.92 5.16
C LYS A 263 15.74 -16.61 4.37
N ALA A 264 15.25 -15.51 4.93
CA ALA A 264 15.28 -14.21 4.25
C ALA A 264 16.65 -13.59 3.93
N TYR A 265 16.73 -12.92 2.80
CA TYR A 265 17.95 -12.22 2.39
C TYR A 265 18.21 -11.17 3.46
N CYS A 266 19.40 -11.17 4.06
CA CYS A 266 19.73 -10.21 5.10
C CYS A 266 21.26 -10.01 5.22
N PRO A 267 21.86 -9.33 4.22
CA PRO A 267 23.31 -9.05 4.18
C PRO A 267 23.82 -8.35 5.44
N ALA A 268 24.91 -8.87 6.00
CA ALA A 268 25.49 -8.28 7.19
C ALA A 268 25.81 -6.81 6.98
N LYS A 269 25.58 -6.00 8.00
CA LYS A 269 25.86 -4.56 7.95
C LYS A 269 25.20 -3.80 6.78
N GLN A 270 24.52 -4.52 5.89
CA GLN A 270 23.88 -3.86 4.75
C GLN A 270 22.46 -3.42 5.06
N VAL A 271 22.10 -2.21 4.61
CA VAL A 271 20.77 -1.67 4.83
C VAL A 271 19.94 -1.64 3.56
N GLN A 272 20.56 -1.26 2.45
CA GLN A 272 19.85 -1.19 1.18
C GLN A 272 19.45 -2.56 0.65
N GLY A 273 18.19 -2.70 0.26
CA GLY A 273 17.70 -3.97 -0.28
C GLY A 273 17.41 -5.04 0.76
N ASN A 274 17.73 -4.76 2.02
CA ASN A 274 17.50 -5.70 3.12
C ASN A 274 16.04 -5.66 3.57
N PRO A 275 15.24 -6.68 3.19
CA PRO A 275 13.82 -6.78 3.54
C PRO A 275 13.56 -6.95 5.03
N VAL A 276 14.48 -7.62 5.72
CA VAL A 276 14.34 -7.84 7.15
C VAL A 276 14.38 -6.51 7.87
N LEU A 277 15.28 -5.63 7.44
CA LEU A 277 15.37 -4.32 8.05
C LEU A 277 14.15 -3.46 7.66
N GLU A 278 13.71 -3.57 6.41
CA GLU A 278 12.54 -2.82 5.94
C GLU A 278 11.33 -3.19 6.80
N ILE A 279 11.16 -4.48 7.06
CA ILE A 279 10.04 -4.93 7.88
C ILE A 279 10.15 -4.28 9.27
N ALA A 280 11.35 -4.28 9.82
CA ALA A 280 11.55 -3.68 11.15
C ALA A 280 11.20 -2.20 11.12
N ARG A 281 11.72 -1.51 10.12
CA ARG A 281 11.48 -0.08 10.01
C ARG A 281 10.04 0.33 9.64
N TYR A 282 9.50 -0.27 8.59
CA TYR A 282 8.18 0.12 8.11
C TYR A 282 6.96 -0.52 8.77
N ILE A 283 7.14 -1.67 9.39
CA ILE A 283 6.05 -2.34 10.03
C ILE A 283 6.18 -2.41 11.57
N LEU A 284 7.28 -2.96 12.08
CA LEU A 284 7.41 -3.09 13.53
C LEU A 284 7.54 -1.74 14.25
N PHE A 285 8.45 -0.87 13.80
CA PHE A 285 8.59 0.43 14.45
C PHE A 285 7.55 1.47 13.99
N ALA A 286 6.62 1.04 13.13
CA ALA A 286 5.57 1.94 12.68
C ALA A 286 4.71 2.24 13.91
N ARG A 287 4.68 1.27 14.82
CA ARG A 287 3.91 1.36 16.06
C ARG A 287 4.60 2.23 17.11
N ASP A 288 4.00 3.37 17.44
CA ASP A 288 4.59 4.25 18.44
C ASP A 288 4.83 3.47 19.72
N GLY A 289 5.97 3.70 20.34
CA GLY A 289 6.30 3.00 21.57
C GLY A 289 6.72 1.54 21.37
N PHE A 290 7.19 1.20 20.17
CA PHE A 290 7.62 -0.18 19.91
C PHE A 290 9.07 -0.37 20.34
N THR A 291 9.36 -1.58 20.80
CA THR A 291 10.69 -1.96 21.27
C THR A 291 11.08 -3.31 20.69
N LEU A 292 12.32 -3.43 20.22
CA LEU A 292 12.80 -4.71 19.69
C LEU A 292 13.87 -5.28 20.62
N ARG A 293 13.50 -6.29 21.41
CA ARG A 293 14.42 -6.94 22.33
C ARG A 293 15.27 -7.98 21.60
N VAL A 294 16.59 -7.85 21.65
CA VAL A 294 17.48 -8.80 20.96
C VAL A 294 18.57 -9.39 21.86
N ASP A 295 18.99 -10.62 21.53
CA ASP A 295 20.04 -11.31 22.30
C ASP A 295 21.45 -10.99 21.78
N VAL A 304 20.45 -6.59 23.59
CA VAL A 304 20.12 -5.17 23.47
C VAL A 304 18.63 -4.95 23.23
N GLU A 305 18.13 -3.79 23.63
CA GLU A 305 16.73 -3.43 23.48
C GLU A 305 16.65 -2.12 22.69
N TYR A 306 16.11 -2.17 21.48
CA TYR A 306 16.01 -0.98 20.66
C TYR A 306 14.71 -0.21 20.76
N THR A 307 14.84 1.09 21.03
CA THR A 307 13.68 1.96 21.18
C THR A 307 13.42 2.78 19.93
N SER A 308 14.30 2.66 18.95
CA SER A 308 14.14 3.39 17.70
C SER A 308 14.71 2.53 16.59
N TYR A 309 14.28 2.78 15.36
CA TYR A 309 14.79 2.01 14.25
C TYR A 309 16.20 2.42 13.91
N GLU A 310 16.45 3.73 13.93
CA GLU A 310 17.78 4.24 13.59
C GLU A 310 18.84 3.62 14.50
N GLU A 311 18.51 3.43 15.78
CA GLU A 311 19.45 2.81 16.70
C GLU A 311 19.81 1.44 16.15
N LEU A 312 18.78 0.63 15.91
CA LEU A 312 18.96 -0.71 15.37
C LEU A 312 19.82 -0.71 14.11
N GLU A 313 19.56 0.23 13.20
CA GLU A 313 20.33 0.29 11.96
C GLU A 313 21.81 0.59 12.17
N ARG A 314 22.10 1.49 13.11
CA ARG A 314 23.49 1.82 13.41
C ARG A 314 24.16 0.55 13.92
N ASP A 315 23.64 0.01 15.02
CA ASP A 315 24.16 -1.22 15.59
C ASP A 315 24.27 -2.33 14.54
N TYR A 316 23.36 -2.34 13.58
CA TYR A 316 23.41 -3.36 12.54
C TYR A 316 24.54 -3.06 11.58
N THR A 317 24.72 -1.79 11.24
CA THR A 317 25.77 -1.38 10.33
C THR A 317 27.14 -1.63 10.97
N ASP A 318 27.27 -1.25 12.24
CA ASP A 318 28.52 -1.44 12.97
C ASP A 318 28.71 -2.90 13.37
N GLY A 319 28.26 -3.82 12.53
CA GLY A 319 28.38 -5.25 12.80
C GLY A 319 28.02 -5.68 14.20
N ARG A 320 27.52 -4.74 15.00
CA ARG A 320 27.15 -5.00 16.40
C ARG A 320 25.91 -5.89 16.49
N LEU A 321 25.16 -5.97 15.40
CA LEU A 321 23.95 -6.79 15.35
C LEU A 321 24.10 -7.83 14.25
N HIS A 322 23.98 -9.10 14.62
CA HIS A 322 24.12 -10.17 13.65
C HIS A 322 22.82 -10.56 12.94
N PRO A 323 22.90 -10.79 11.62
CA PRO A 323 21.76 -11.17 10.78
C PRO A 323 20.83 -12.18 11.42
N LEU A 324 21.40 -13.27 11.94
CA LEU A 324 20.59 -14.29 12.55
C LEU A 324 19.88 -13.79 13.81
N ASP A 325 20.52 -12.90 14.55
CA ASP A 325 19.90 -12.37 15.76
C ASP A 325 18.77 -11.40 15.41
N LEU A 326 18.94 -10.66 14.30
CA LEU A 326 17.94 -9.72 13.86
C LEU A 326 16.74 -10.54 13.36
N LYS A 327 17.03 -11.56 12.54
CA LYS A 327 16.00 -12.45 12.00
C LYS A 327 15.05 -12.97 13.08
N ASN A 328 15.60 -13.63 14.09
CA ASN A 328 14.79 -14.19 15.17
C ASN A 328 13.93 -13.15 15.84
N ALA A 329 14.53 -12.02 16.17
CA ALA A 329 13.82 -10.94 16.86
C ALA A 329 12.72 -10.36 15.99
N VAL A 330 12.99 -10.20 14.70
CA VAL A 330 11.99 -9.64 13.80
C VAL A 330 10.88 -10.66 13.62
N ALA A 331 11.26 -11.93 13.46
CA ALA A 331 10.29 -13.00 13.26
C ALA A 331 9.32 -13.06 14.43
N GLU A 332 9.86 -13.03 15.64
CA GLU A 332 9.03 -13.11 16.82
C GLU A 332 8.11 -11.90 16.99
N SER A 333 8.60 -10.69 16.70
CA SER A 333 7.75 -9.49 16.79
C SER A 333 6.66 -9.50 15.69
N LEU A 334 7.02 -9.95 14.51
CA LEU A 334 6.08 -10.01 13.39
C LEU A 334 4.93 -10.94 13.75
N ILE A 335 5.27 -12.02 14.43
CA ILE A 335 4.27 -12.96 14.88
C ILE A 335 3.24 -12.24 15.76
N GLU A 336 3.70 -11.36 16.66
CA GLU A 336 2.74 -10.66 17.52
C GLU A 336 1.86 -9.72 16.70
N VAL A 337 2.44 -9.09 15.69
CA VAL A 337 1.65 -8.19 14.85
C VAL A 337 0.61 -8.97 14.05
N VAL A 338 1.02 -10.12 13.54
CA VAL A 338 0.12 -10.94 12.73
C VAL A 338 -0.94 -11.74 13.49
N ARG A 339 -0.59 -12.25 14.67
CA ARG A 339 -1.50 -13.05 15.46
C ARG A 339 -2.93 -12.53 15.50
N PRO A 340 -3.16 -11.30 15.97
CA PRO A 340 -4.54 -10.80 16.02
C PRO A 340 -5.19 -10.60 14.64
N ILE A 341 -4.43 -10.23 13.62
CA ILE A 341 -4.98 -10.05 12.29
C ILE A 341 -5.42 -11.41 11.75
N ARG A 342 -4.56 -12.40 11.92
CA ARG A 342 -4.83 -13.76 11.49
C ARG A 342 -6.10 -14.26 12.18
N GLY A 343 -6.23 -13.96 13.47
CA GLY A 343 -7.40 -14.38 14.21
C GLY A 343 -8.71 -13.80 13.71
N ALA A 344 -8.72 -12.50 13.44
CA ALA A 344 -9.93 -11.83 12.94
C ALA A 344 -10.36 -12.41 11.59
N VAL A 345 -9.40 -12.85 10.79
CA VAL A 345 -9.73 -13.42 9.50
C VAL A 345 -10.14 -14.88 9.58
N LEU A 346 -9.30 -15.72 10.19
CA LEU A 346 -9.61 -17.14 10.28
C LEU A 346 -10.75 -17.45 11.24
N GLY A 347 -10.94 -16.60 12.24
CA GLY A 347 -12.01 -16.81 13.20
C GLY A 347 -13.40 -16.44 12.70
N ASP A 348 -13.48 -16.01 11.45
CA ASP A 348 -14.76 -15.65 10.84
C ASP A 348 -14.99 -16.69 9.75
N PRO A 349 -15.88 -17.65 9.99
CA PRO A 349 -16.22 -18.74 9.07
C PRO A 349 -16.40 -18.36 7.59
N ALA A 350 -17.25 -17.38 7.33
CA ALA A 350 -17.49 -16.94 5.96
C ALA A 350 -16.15 -16.53 5.36
N MET A 351 -15.48 -15.62 6.06
CA MET A 351 -14.19 -15.13 5.61
C MET A 351 -13.19 -16.26 5.41
N LYS A 352 -13.21 -17.23 6.30
CA LYS A 352 -12.29 -18.35 6.15
C LYS A 352 -12.63 -19.04 4.83
N ARG A 353 -13.93 -19.10 4.54
CA ARG A 353 -14.43 -19.71 3.31
C ARG A 353 -13.93 -18.94 2.10
N ALA A 354 -14.01 -17.63 2.16
CA ALA A 354 -13.54 -16.79 1.07
C ALA A 354 -12.04 -16.96 0.90
N LEU A 355 -11.33 -17.02 2.02
CA LEU A 355 -9.88 -17.19 2.00
C LEU A 355 -9.50 -18.46 1.25
N GLU A 356 -10.28 -19.52 1.47
CA GLU A 356 -9.99 -20.79 0.83
C GLU A 356 -10.35 -20.76 -0.67
N ALA A 357 -11.46 -20.11 -1.02
CA ALA A 357 -11.80 -20.01 -2.44
C ALA A 357 -10.65 -19.28 -3.12
N ILE A 358 -10.19 -18.18 -2.53
CA ILE A 358 -9.09 -17.41 -3.10
C ILE A 358 -7.82 -18.24 -3.27
N GLU A 359 -7.45 -19.00 -2.25
CA GLU A 359 -6.25 -19.81 -2.34
C GLU A 359 -6.46 -20.96 -3.32
N GLY A 360 -7.71 -21.14 -3.75
CA GLY A 360 -8.01 -22.20 -4.70
C GLY A 360 -7.42 -21.89 -6.07
N LYS A 361 -7.73 -20.71 -6.60
CA LYS A 361 -7.22 -20.28 -7.91
C LYS A 361 -5.74 -19.92 -7.84
S SO4 B . 8.75 19.76 -2.05
O1 SO4 B . 10.04 19.93 -1.23
O2 SO4 B . 9.15 19.93 -3.52
O3 SO4 B . 8.33 18.42 -1.87
O4 SO4 B . 7.96 20.91 -1.75
S SO4 C . 0.93 -6.95 -4.67
O1 SO4 C . 2.18 -6.20 -4.20
O2 SO4 C . -0.10 -5.89 -5.08
O3 SO4 C . 1.28 -7.66 -5.84
O4 SO4 C . 0.39 -7.54 -3.49
S SO4 D . -0.21 -0.32 -3.54
O1 SO4 D . -1.28 0.75 -3.68
O2 SO4 D . 1.15 0.37 -3.65
O3 SO4 D . -0.29 -0.83 -2.23
O4 SO4 D . -0.31 -1.11 -4.72
S SO4 E . 24.10 0.08 2.45
O1 SO4 E . 25.37 0.93 2.41
O2 SO4 E . 24.14 -0.85 1.24
O3 SO4 E . 24.20 -0.73 3.61
O4 SO4 E . 23.04 0.99 2.19
#